data_8BWN
#
_entry.id   8BWN
#
_cell.length_a   57.574
_cell.length_b   89.178
_cell.length_c   97.681
_cell.angle_alpha   90.000
_cell.angle_beta   90.000
_cell.angle_gamma   90.000
#
_symmetry.space_group_name_H-M   'P 21 21 21'
#
loop_
_entity.id
_entity.type
_entity.pdbx_description
1 polymer 'Growth/differentiation factor 5'
2 polymer 'Twisted gastrulation protein homolog 1'
3 non-polymer 'CALCIUM ION'
4 water water
#
loop_
_entity_poly.entity_id
_entity_poly.type
_entity_poly.pdbx_seq_one_letter_code
_entity_poly.pdbx_strand_id
1 'polypeptide(L)'
;MAPLATRQGKRPSKNLKARCSRKALHVNFKDMGWDDWIIAPLEYEAFHCEGLCEFPLRSHLEPTNHAVIQTLMNSMDPES
TPPTCCVPTRLSPISILFIDSANNVVYKQYEDMVVESCGCR
;
A,B
2 'polypeptide(L)' ETGCNKALCASDVSKCLIQELCQCRPGEGNCSCCKECMLCLGALWDECCDCVGMCNPRNYSGTLEVLFQ C,D
#
loop_
_chem_comp.id
_chem_comp.type
_chem_comp.name
_chem_comp.formula
CA non-polymer 'CALCIUM ION' 'Ca 2'
#
# COMPACT_ATOMS: atom_id res chain seq x y z
N LYS A 17 -5.20 11.47 -16.75
CA LYS A 17 -5.01 10.75 -15.46
C LYS A 17 -3.52 10.58 -15.15
N ALA A 18 -3.01 11.41 -14.25
CA ALA A 18 -1.59 11.36 -13.91
C ALA A 18 -1.25 10.07 -13.19
N ARG A 19 0.04 9.85 -12.98
CA ARG A 19 0.52 8.66 -12.30
C ARG A 19 0.45 8.84 -10.79
N CYS A 20 0.84 7.80 -10.07
CA CYS A 20 0.86 7.81 -8.61
C CYS A 20 1.61 9.02 -8.09
N SER A 21 0.93 9.82 -7.26
CA SER A 21 1.52 11.03 -6.72
C SER A 21 0.78 11.40 -5.45
N ARG A 22 1.40 12.25 -4.64
CA ARG A 22 0.79 12.72 -3.40
C ARG A 22 -0.07 13.94 -3.70
N LYS A 23 -1.31 13.91 -3.24
CA LYS A 23 -2.27 14.96 -3.49
C LYS A 23 -2.78 15.54 -2.18
N ALA A 24 -3.44 16.69 -2.26
CA ALA A 24 -3.90 17.38 -1.07
C ALA A 24 -5.08 16.65 -0.43
N LEU A 25 -5.17 16.74 0.89
CA LEU A 25 -6.30 16.19 1.64
C LEU A 25 -6.41 16.98 2.94
N HIS A 26 -7.44 17.83 3.04
CA HIS A 26 -7.65 18.65 4.21
C HIS A 26 -8.57 17.91 5.19
N VAL A 27 -8.09 17.71 6.41
CA VAL A 27 -8.84 17.00 7.45
C VAL A 27 -9.40 18.03 8.42
N ASN A 28 -10.73 18.12 8.50
CA ASN A 28 -11.41 18.99 9.45
C ASN A 28 -12.12 18.11 10.48
N PHE A 29 -11.71 18.23 11.74
CA PHE A 29 -12.21 17.31 12.76
C PHE A 29 -13.68 17.57 13.08
N LYS A 30 -14.09 18.85 13.14
CA LYS A 30 -15.49 19.14 13.41
C LYS A 30 -16.39 18.59 12.32
N ASP A 31 -15.93 18.64 11.06
CA ASP A 31 -16.70 18.07 9.97
C ASP A 31 -16.90 16.56 10.18
N MET A 32 -15.99 15.91 10.87
CA MET A 32 -16.06 14.49 11.14
C MET A 32 -16.76 14.17 12.45
N GLY A 33 -17.19 15.19 13.20
CA GLY A 33 -17.85 14.97 14.47
C GLY A 33 -16.91 14.70 15.63
N TRP A 34 -15.64 15.03 15.50
CA TRP A 34 -14.66 14.81 16.56
C TRP A 34 -14.35 16.08 17.34
N ASP A 35 -15.11 17.16 17.13
CA ASP A 35 -14.90 18.38 17.88
C ASP A 35 -15.31 18.25 19.35
N ASP A 36 -16.02 17.19 19.72
CA ASP A 36 -16.47 17.00 21.09
C ASP A 36 -15.44 16.31 21.98
N TRP A 37 -14.33 15.84 21.41
CA TRP A 37 -13.26 15.24 22.22
C TRP A 37 -11.86 15.66 21.79
N ILE A 38 -11.68 16.25 20.61
CA ILE A 38 -10.38 16.77 20.19
C ILE A 38 -10.35 18.26 20.48
N ILE A 39 -9.39 18.68 21.29
CA ILE A 39 -9.30 20.08 21.67
C ILE A 39 -8.53 20.86 20.61
N ALA A 40 -7.36 20.36 20.21
CA ALA A 40 -6.56 21.02 19.18
C ALA A 40 -5.55 20.03 18.66
N PRO A 41 -5.16 20.13 17.38
CA PRO A 41 -5.65 21.08 16.38
C PRO A 41 -7.01 20.65 15.84
N LEU A 42 -7.82 21.59 15.34
CA LEU A 42 -9.11 21.24 14.76
C LEU A 42 -9.03 20.83 13.30
N GLU A 43 -7.86 20.98 12.67
CA GLU A 43 -7.71 20.62 11.27
C GLU A 43 -6.22 20.54 10.93
N TYR A 44 -5.91 19.75 9.92
CA TYR A 44 -4.52 19.56 9.50
C TYR A 44 -4.51 18.93 8.11
N GLU A 45 -3.37 19.05 7.44
CA GLU A 45 -3.20 18.49 6.10
C GLU A 45 -2.63 17.09 6.21
N ALA A 46 -3.39 16.11 5.72
CA ALA A 46 -2.98 14.71 5.77
C ALA A 46 -2.50 14.16 4.43
N PHE A 47 -2.85 14.80 3.32
CA PHE A 47 -2.49 14.33 1.99
C PHE A 47 -3.07 12.94 1.73
N HIS A 48 -2.99 12.49 0.47
CA HIS A 48 -3.42 11.15 0.11
C HIS A 48 -2.72 10.76 -1.18
N CYS A 49 -2.69 9.46 -1.44
CA CYS A 49 -2.01 8.90 -2.61
C CYS A 49 -3.05 8.43 -3.61
N GLU A 50 -2.88 8.83 -4.87
CA GLU A 50 -3.82 8.48 -5.92
C GLU A 50 -3.12 8.65 -7.26
N GLY A 51 -3.39 7.76 -8.19
CA GLY A 51 -2.82 7.85 -9.52
C GLY A 51 -2.66 6.49 -10.14
N LEU A 52 -2.21 6.50 -11.39
CA LEU A 52 -2.03 5.27 -12.17
CA LEU A 52 -2.04 5.27 -12.16
C LEU A 52 -0.72 4.59 -11.78
N CYS A 53 -0.77 3.27 -11.66
CA CYS A 53 0.40 2.44 -11.33
C CYS A 53 0.61 1.46 -12.47
N GLU A 54 1.15 1.96 -13.58
CA GLU A 54 1.43 1.15 -14.75
C GLU A 54 2.93 1.22 -15.07
N PHE A 55 3.37 0.28 -15.90
CA PHE A 55 4.77 0.26 -16.29
C PHE A 55 5.09 1.54 -17.07
N PRO A 56 6.27 2.14 -16.85
CA PRO A 56 7.31 1.77 -15.89
C PRO A 56 7.05 2.31 -14.49
N LEU A 57 7.14 1.47 -13.47
CA LEU A 57 7.11 1.96 -12.10
C LEU A 57 8.41 2.70 -11.84
N ARG A 58 8.31 3.96 -11.40
CA ARG A 58 9.51 4.77 -11.25
C ARG A 58 10.47 4.10 -10.27
N SER A 59 11.70 3.84 -10.74
CA SER A 59 12.65 3.01 -10.01
C SER A 59 13.29 3.70 -8.82
N HIS A 60 13.30 5.03 -8.76
CA HIS A 60 13.97 5.70 -7.66
C HIS A 60 13.22 5.57 -6.34
N LEU A 61 11.96 5.14 -6.34
CA LEU A 61 11.20 4.94 -5.11
CA LEU A 61 11.20 4.95 -5.11
C LEU A 61 11.35 3.54 -4.54
N GLU A 62 12.08 2.65 -5.23
CA GLU A 62 12.37 1.31 -4.74
C GLU A 62 11.09 0.53 -4.47
N PRO A 63 10.32 0.20 -5.50
CA PRO A 63 9.13 -0.63 -5.28
C PRO A 63 9.51 -2.07 -4.98
N THR A 64 8.65 -2.75 -4.23
CA THR A 64 8.93 -4.14 -3.87
C THR A 64 9.00 -5.01 -5.11
N ASN A 65 9.79 -6.09 -5.00
CA ASN A 65 9.92 -7.02 -6.12
C ASN A 65 8.58 -7.59 -6.55
N HIS A 66 7.64 -7.74 -5.61
CA HIS A 66 6.32 -8.23 -5.98
C HIS A 66 5.59 -7.22 -6.85
N ALA A 67 5.58 -5.95 -6.44
CA ALA A 67 4.94 -4.91 -7.26
C ALA A 67 5.56 -4.86 -8.64
N VAL A 68 6.88 -5.01 -8.73
CA VAL A 68 7.54 -4.98 -10.04
C VAL A 68 7.00 -6.09 -10.92
N ILE A 69 6.92 -7.31 -10.39
CA ILE A 69 6.46 -8.44 -11.19
C ILE A 69 5.00 -8.26 -11.57
N GLN A 70 4.16 -7.91 -10.59
CA GLN A 70 2.74 -7.72 -10.88
C GLN A 70 2.53 -6.68 -11.96
N THR A 71 3.27 -5.57 -11.91
CA THR A 71 3.17 -4.56 -12.94
C THR A 71 3.54 -5.12 -14.30
N LEU A 72 4.57 -5.97 -14.35
CA LEU A 72 4.96 -6.59 -15.61
C LEU A 72 3.82 -7.46 -16.15
N MET A 73 3.27 -8.34 -15.31
CA MET A 73 2.16 -9.17 -15.74
C MET A 73 0.98 -8.32 -16.17
N ASN A 74 0.70 -7.25 -15.42
CA ASN A 74 -0.37 -6.35 -15.82
C ASN A 74 -0.11 -5.74 -17.19
N SER A 75 1.16 -5.48 -17.50
CA SER A 75 1.50 -4.94 -18.82
C SER A 75 1.38 -6.00 -19.90
N MET A 76 1.60 -7.27 -19.56
CA MET A 76 1.50 -8.33 -20.54
C MET A 76 0.04 -8.55 -20.93
N ASP A 77 -0.85 -8.66 -19.94
CA ASP A 77 -2.27 -8.86 -20.19
C ASP A 77 -3.05 -8.15 -19.10
N PRO A 78 -3.34 -6.85 -19.28
CA PRO A 78 -4.13 -6.15 -18.25
C PRO A 78 -5.51 -6.73 -18.05
N GLU A 79 -6.04 -7.45 -19.04
CA GLU A 79 -7.36 -8.06 -18.90
C GLU A 79 -7.33 -9.16 -17.84
N SER A 80 -6.18 -9.80 -17.64
CA SER A 80 -6.07 -10.95 -16.76
C SER A 80 -5.45 -10.64 -15.41
N THR A 81 -4.57 -9.64 -15.34
CA THR A 81 -3.87 -9.30 -14.12
C THR A 81 -4.10 -7.82 -13.80
N PRO A 82 -4.57 -7.48 -12.61
CA PRO A 82 -4.78 -6.07 -12.27
C PRO A 82 -3.46 -5.41 -11.89
N PRO A 83 -3.39 -4.08 -12.00
CA PRO A 83 -2.15 -3.38 -11.67
C PRO A 83 -1.99 -3.20 -10.17
N THR A 84 -0.79 -2.78 -9.78
CA THR A 84 -0.54 -2.41 -8.40
C THR A 84 -1.33 -1.15 -8.07
N CYS A 85 -1.27 -0.72 -6.80
CA CYS A 85 -2.07 0.40 -6.34
C CYS A 85 -1.19 1.45 -5.68
N CYS A 86 -1.63 2.70 -5.80
CA CYS A 86 -0.90 3.85 -5.29
C CYS A 86 -1.33 4.10 -3.84
N VAL A 87 -0.42 3.81 -2.91
CA VAL A 87 -0.72 3.93 -1.48
C VAL A 87 0.43 4.64 -0.80
N PRO A 88 0.21 5.15 0.42
CA PRO A 88 1.32 5.79 1.14
C PRO A 88 2.38 4.78 1.53
N THR A 89 3.65 5.17 1.34
CA THR A 89 4.77 4.34 1.72
C THR A 89 5.56 4.89 2.91
N ARG A 90 5.35 6.15 3.26
CA ARG A 90 6.05 6.76 4.39
CA ARG A 90 6.05 6.77 4.38
C ARG A 90 5.14 7.80 5.01
N LEU A 91 4.78 7.60 6.28
CA LEU A 91 3.88 8.49 6.98
C LEU A 91 4.58 9.08 8.20
N SER A 92 4.28 10.34 8.50
CA SER A 92 4.80 11.04 9.65
C SER A 92 3.68 11.32 10.66
N PRO A 93 4.02 11.61 11.92
CA PRO A 93 3.00 11.80 12.94
C PRO A 93 2.61 13.27 13.14
N ILE A 94 1.59 13.48 13.97
CA ILE A 94 1.22 14.80 14.46
C ILE A 94 0.77 14.66 15.90
N SER A 95 0.95 15.73 16.67
CA SER A 95 0.51 15.76 18.06
C SER A 95 -0.90 16.32 18.15
N ILE A 96 -1.69 15.74 19.06
CA ILE A 96 -3.08 16.13 19.25
C ILE A 96 -3.38 16.23 20.73
N LEU A 97 -4.18 17.23 21.09
CA LEU A 97 -4.67 17.41 22.45
C LEU A 97 -6.15 17.06 22.48
N PHE A 98 -6.51 16.05 23.26
CA PHE A 98 -7.86 15.51 23.25
C PHE A 98 -8.25 15.11 24.66
N ILE A 99 -9.46 14.56 24.79
CA ILE A 99 -9.98 14.05 26.05
C ILE A 99 -10.26 12.56 25.84
N ASP A 100 -9.52 11.71 26.54
CA ASP A 100 -9.68 10.28 26.38
C ASP A 100 -11.03 9.83 26.95
N SER A 101 -11.29 8.52 26.87
CA SER A 101 -12.55 7.98 27.34
C SER A 101 -12.73 8.13 28.85
N ALA A 102 -11.66 8.39 29.59
CA ALA A 102 -11.70 8.53 31.04
C ALA A 102 -11.77 9.99 31.48
N ASN A 103 -12.09 10.91 30.57
CA ASN A 103 -12.20 12.33 30.86
C ASN A 103 -10.87 12.95 31.30
N ASN A 104 -9.76 12.28 31.01
CA ASN A 104 -8.43 12.82 31.25
C ASN A 104 -7.97 13.58 30.02
N VAL A 105 -7.28 14.70 30.25
CA VAL A 105 -6.73 15.51 29.16
C VAL A 105 -5.35 14.97 28.80
N VAL A 106 -5.15 14.69 27.51
CA VAL A 106 -3.95 14.02 27.03
C VAL A 106 -3.40 14.76 25.82
N TYR A 107 -2.09 14.97 25.81
CA TYR A 107 -1.38 15.51 24.66
C TYR A 107 -0.47 14.39 24.14
N LYS A 108 -0.90 13.76 23.05
CA LYS A 108 -0.25 12.58 22.52
C LYS A 108 0.18 12.83 21.08
N GLN A 109 1.24 12.13 20.67
CA GLN A 109 1.70 12.14 19.28
C GLN A 109 1.13 10.90 18.60
N TYR A 110 0.25 11.12 17.63
CA TYR A 110 -0.36 10.03 16.87
C TYR A 110 0.53 9.69 15.67
N GLU A 111 0.78 8.39 15.49
CA GLU A 111 1.65 7.92 14.44
C GLU A 111 0.87 7.73 13.13
N ASP A 112 1.60 7.78 12.02
CA ASP A 112 1.05 7.50 10.70
C ASP A 112 -0.19 8.35 10.43
N MET A 113 -0.01 9.67 10.52
CA MET A 113 -1.08 10.63 10.32
C MET A 113 -0.95 11.44 9.04
N VAL A 114 0.27 11.79 8.63
CA VAL A 114 0.53 12.58 7.45
C VAL A 114 1.32 11.73 6.46
N VAL A 115 0.97 11.84 5.18
CA VAL A 115 1.65 11.11 4.12
C VAL A 115 2.83 11.95 3.64
N GLU A 116 4.01 11.31 3.57
CA GLU A 116 5.22 11.98 3.11
C GLU A 116 5.67 11.52 1.73
N SER A 117 5.37 10.30 1.34
CA SER A 117 5.73 9.80 0.01
C SER A 117 4.76 8.71 -0.39
N CYS A 118 4.50 8.62 -1.70
CA CYS A 118 3.61 7.63 -2.26
C CYS A 118 4.40 6.61 -3.09
N GLY A 119 3.80 5.44 -3.27
CA GLY A 119 4.44 4.38 -4.04
C GLY A 119 3.43 3.33 -4.42
N CYS A 120 3.75 2.61 -5.50
CA CYS A 120 2.88 1.56 -6.03
C CYS A 120 3.18 0.23 -5.35
N ARG A 121 2.14 -0.46 -4.91
CA ARG A 121 2.28 -1.74 -4.23
C ARG A 121 1.22 -2.75 -4.67
N ALA B 18 -15.54 -10.50 -0.74
CA ALA B 18 -15.83 -9.23 -1.47
C ALA B 18 -14.87 -8.13 -1.04
N ARG B 19 -14.53 -8.10 0.24
CA ARG B 19 -13.64 -7.09 0.78
C ARG B 19 -12.17 -7.47 0.55
N CYS B 20 -11.28 -6.60 0.99
CA CYS B 20 -9.84 -6.80 0.83
C CYS B 20 -9.43 -8.18 1.30
N SER B 21 -8.82 -8.96 0.40
CA SER B 21 -8.41 -10.31 0.72
C SER B 21 -7.32 -10.74 -0.25
N ARG B 22 -6.60 -11.79 0.13
CA ARG B 22 -5.53 -12.35 -0.70
C ARG B 22 -6.11 -13.38 -1.65
N LYS B 23 -5.79 -13.24 -2.93
CA LYS B 23 -6.24 -14.16 -3.96
C LYS B 23 -5.04 -14.75 -4.69
N ALA B 24 -5.31 -15.82 -5.43
CA ALA B 24 -4.24 -16.55 -6.11
C ALA B 24 -3.68 -15.74 -7.28
N LEU B 25 -2.39 -15.95 -7.55
CA LEU B 25 -1.74 -15.34 -8.71
C LEU B 25 -0.56 -16.21 -9.09
N HIS B 26 -0.69 -16.92 -10.21
CA HIS B 26 0.33 -17.83 -10.68
C HIS B 26 1.30 -17.07 -11.59
N VAL B 27 2.58 -17.11 -11.24
CA VAL B 27 3.63 -16.44 -12.00
C VAL B 27 4.38 -17.49 -12.81
N ASN B 28 4.29 -17.39 -14.13
CA ASN B 28 5.00 -18.25 -15.05
C ASN B 28 6.06 -17.42 -15.77
N PHE B 29 7.33 -17.76 -15.57
CA PHE B 29 8.40 -16.90 -16.06
C PHE B 29 8.47 -16.92 -17.58
N LYS B 30 8.24 -18.07 -18.21
CA LYS B 30 8.26 -18.11 -19.67
C LYS B 30 7.17 -17.20 -20.25
N ASP B 31 6.00 -17.14 -19.60
CA ASP B 31 4.95 -16.26 -20.08
C ASP B 31 5.40 -14.80 -20.08
N MET B 32 6.31 -14.43 -19.19
CA MET B 32 6.81 -13.06 -19.08
C MET B 32 8.06 -12.81 -19.92
N GLY B 33 8.58 -13.84 -20.60
CA GLY B 33 9.79 -13.68 -21.37
C GLY B 33 11.06 -13.74 -20.57
N TRP B 34 11.02 -14.29 -19.35
CA TRP B 34 12.17 -14.42 -18.48
C TRP B 34 12.78 -15.81 -18.51
N ASP B 35 12.31 -16.68 -19.41
CA ASP B 35 12.89 -18.02 -19.51
C ASP B 35 14.31 -18.01 -20.06
N ASP B 36 14.77 -16.88 -20.60
CA ASP B 36 16.10 -16.79 -21.18
C ASP B 36 17.18 -16.46 -20.16
N TRP B 37 16.81 -16.15 -18.91
CA TRP B 37 17.80 -15.90 -17.86
C TRP B 37 17.46 -16.51 -16.52
N ILE B 38 16.22 -16.94 -16.28
CA ILE B 38 15.85 -17.63 -15.05
C ILE B 38 15.90 -19.13 -15.30
N ILE B 39 16.74 -19.84 -14.54
CA ILE B 39 16.90 -21.27 -14.74
C ILE B 39 15.83 -22.04 -13.99
N ALA B 40 15.60 -21.70 -12.72
CA ALA B 40 14.59 -22.37 -11.90
C ALA B 40 14.29 -21.49 -10.71
N PRO B 41 13.06 -21.51 -10.19
CA PRO B 41 11.90 -22.29 -10.62
C PRO B 41 11.25 -21.69 -11.87
N LEU B 42 10.49 -22.49 -12.63
CA LEU B 42 9.83 -21.98 -13.82
C LEU B 42 8.52 -21.28 -13.50
N GLU B 43 8.02 -21.39 -12.27
CA GLU B 43 6.77 -20.76 -11.89
C GLU B 43 6.65 -20.81 -10.37
N TYR B 44 5.83 -19.90 -9.83
CA TYR B 44 5.60 -19.87 -8.40
C TYR B 44 4.34 -19.04 -8.13
N GLU B 45 3.76 -19.25 -6.95
CA GLU B 45 2.56 -18.54 -6.55
C GLU B 45 2.95 -17.29 -5.77
N ALA B 46 2.57 -16.13 -6.30
CA ALA B 46 2.86 -14.85 -5.66
C ALA B 46 1.65 -14.24 -4.98
N PHE B 47 0.44 -14.65 -5.36
CA PHE B 47 -0.79 -14.10 -4.80
C PHE B 47 -0.88 -12.61 -5.08
N HIS B 48 -2.04 -12.02 -4.80
CA HIS B 48 -2.23 -10.58 -4.95
C HIS B 48 -3.38 -10.17 -4.04
N CYS B 49 -3.45 -8.87 -3.79
CA CYS B 49 -4.46 -8.30 -2.90
C CYS B 49 -5.50 -7.57 -3.72
N GLU B 50 -6.78 -7.83 -3.42
CA GLU B 50 -7.88 -7.24 -4.16
C GLU B 50 -9.13 -7.30 -3.30
N GLY B 51 -9.92 -6.25 -3.36
CA GLY B 51 -11.17 -6.18 -2.62
C GLY B 51 -11.49 -4.75 -2.24
N LEU B 52 -12.67 -4.60 -1.63
CA LEU B 52 -13.13 -3.29 -1.20
C LEU B 52 -12.49 -2.90 0.12
N CYS B 53 -12.33 -1.59 0.30
CA CYS B 53 -11.77 -1.01 1.53
C CYS B 53 -12.76 0.07 2.00
N GLU B 54 -13.86 -0.39 2.59
CA GLU B 54 -14.89 0.51 3.09
C GLU B 54 -15.06 0.32 4.59
N PHE B 55 -15.72 1.29 5.22
CA PHE B 55 -15.97 1.21 6.65
C PHE B 55 -16.88 0.02 6.94
N PRO B 56 -16.62 -0.74 8.01
CA PRO B 56 -15.48 -0.67 8.95
C PRO B 56 -14.26 -1.43 8.44
N LEU B 57 -13.07 -0.82 8.48
CA LEU B 57 -11.86 -1.56 8.15
C LEU B 57 -11.54 -2.55 9.26
N ARG B 58 -11.49 -3.83 8.91
CA ARG B 58 -11.21 -4.86 9.90
C ARG B 58 -9.83 -4.67 10.50
N SER B 59 -9.76 -4.74 11.83
CA SER B 59 -8.55 -4.34 12.54
C SER B 59 -7.39 -5.29 12.26
N HIS B 60 -7.65 -6.50 11.76
CA HIS B 60 -6.57 -7.41 11.45
C HIS B 60 -5.78 -6.95 10.23
N LEU B 61 -6.40 -6.13 9.37
CA LEU B 61 -5.68 -5.52 8.25
C LEU B 61 -4.55 -4.62 8.71
N GLU B 62 -4.52 -4.25 9.99
CA GLU B 62 -3.51 -3.34 10.53
C GLU B 62 -3.50 -2.04 9.73
N PRO B 63 -4.60 -1.30 9.70
CA PRO B 63 -4.61 -0.03 8.97
C PRO B 63 -3.90 1.08 9.72
N THR B 64 -3.23 1.94 8.96
CA THR B 64 -2.60 3.12 9.54
C THR B 64 -3.66 4.09 10.04
N ASN B 65 -3.28 4.90 11.04
CA ASN B 65 -4.21 5.91 11.52
C ASN B 65 -4.67 6.83 10.38
N HIS B 66 -3.80 7.03 9.39
CA HIS B 66 -4.19 7.81 8.21
C HIS B 66 -5.26 7.07 7.42
N ALA B 67 -5.05 5.78 7.16
CA ALA B 67 -6.04 4.99 6.43
C ALA B 67 -7.38 5.01 7.14
N VAL B 68 -7.37 4.96 8.47
CA VAL B 68 -8.64 4.99 9.22
C VAL B 68 -9.39 6.28 8.93
N ILE B 69 -8.69 7.41 8.97
CA ILE B 69 -9.34 8.70 8.75
C ILE B 69 -9.84 8.80 7.31
N GLN B 70 -8.99 8.46 6.34
CA GLN B 70 -9.40 8.53 4.94
C GLN B 70 -10.65 7.69 4.70
N THR B 71 -10.70 6.48 5.26
CA THR B 71 -11.89 5.65 5.10
C THR B 71 -13.13 6.34 5.67
N LEU B 72 -12.97 6.99 6.82
CA LEU B 72 -14.10 7.70 7.42
C LEU B 72 -14.57 8.83 6.51
N MET B 73 -13.63 9.68 6.06
CA MET B 73 -14.01 10.76 5.15
C MET B 73 -14.62 10.22 3.87
N ASN B 74 -14.05 9.13 3.34
CA ASN B 74 -14.63 8.52 2.14
C ASN B 74 -16.05 8.05 2.40
N SER B 75 -16.34 7.58 3.62
CA SER B 75 -17.68 7.12 3.94
C SER B 75 -18.65 8.28 4.10
N MET B 76 -18.17 9.43 4.59
CA MET B 76 -19.04 10.58 4.78
C MET B 76 -19.41 11.21 3.45
N ASP B 77 -18.43 11.41 2.57
CA ASP B 77 -18.65 12.02 1.25
C ASP B 77 -17.72 11.37 0.25
N PRO B 78 -18.14 10.26 -0.36
CA PRO B 78 -17.29 9.62 -1.38
C PRO B 78 -16.99 10.51 -2.56
N GLU B 79 -17.81 11.53 -2.81
CA GLU B 79 -17.56 12.42 -3.94
C GLU B 79 -16.28 13.23 -3.76
N SER B 80 -15.90 13.50 -2.51
CA SER B 80 -14.77 14.38 -2.22
C SER B 80 -13.50 13.65 -1.81
N THR B 81 -13.61 12.49 -1.18
CA THR B 81 -12.45 11.76 -0.69
C THR B 81 -12.46 10.34 -1.26
N PRO B 82 -11.39 9.89 -1.92
CA PRO B 82 -11.36 8.52 -2.43
C PRO B 82 -11.03 7.53 -1.33
N PRO B 83 -11.38 6.27 -1.49
CA PRO B 83 -11.12 5.28 -0.43
C PRO B 83 -9.67 4.82 -0.46
N THR B 84 -9.29 4.13 0.61
CA THR B 84 -8.00 3.47 0.68
C THR B 84 -7.97 2.30 -0.31
N CYS B 85 -6.81 1.65 -0.40
CA CYS B 85 -6.60 0.59 -1.37
C CYS B 85 -6.08 -0.67 -0.69
N CYS B 86 -6.44 -1.81 -1.27
CA CYS B 86 -6.07 -3.12 -0.75
C CYS B 86 -4.72 -3.52 -1.34
N VAL B 87 -3.68 -3.52 -0.50
CA VAL B 87 -2.32 -3.81 -0.96
C VAL B 87 -1.68 -4.80 0.00
N PRO B 88 -0.58 -5.43 -0.41
CA PRO B 88 0.11 -6.35 0.48
C PRO B 88 0.72 -5.64 1.67
N THR B 89 0.58 -6.26 2.84
CA THR B 89 1.17 -5.75 4.07
C THR B 89 2.32 -6.58 4.58
N ARG B 90 2.37 -7.87 4.23
CA ARG B 90 3.48 -8.75 4.56
CA ARG B 90 3.48 -8.75 4.56
C ARG B 90 3.89 -9.53 3.32
N LEU B 91 5.19 -9.70 3.13
CA LEU B 91 5.70 -10.46 2.00
C LEU B 91 6.87 -11.32 2.45
N SER B 92 6.96 -12.52 1.88
CA SER B 92 8.04 -13.46 2.13
C SER B 92 8.88 -13.63 0.87
N PRO B 93 10.10 -14.17 1.01
CA PRO B 93 10.99 -14.29 -0.14
C PRO B 93 10.88 -15.66 -0.80
N ILE B 94 11.58 -15.79 -1.94
CA ILE B 94 11.78 -17.06 -2.60
C ILE B 94 13.19 -17.07 -3.20
N SER B 95 13.77 -18.26 -3.31
CA SER B 95 15.09 -18.42 -3.90
C SER B 95 14.97 -18.67 -5.38
N ILE B 96 15.89 -18.09 -6.15
CA ILE B 96 15.89 -18.18 -7.61
C ILE B 96 17.30 -18.44 -8.11
N LEU B 97 17.41 -19.29 -9.12
CA LEU B 97 18.67 -19.57 -9.80
C LEU B 97 18.59 -18.96 -11.20
N PHE B 98 19.48 -18.01 -11.49
CA PHE B 98 19.39 -17.25 -12.74
C PHE B 98 20.80 -16.98 -13.25
N ILE B 99 20.86 -16.27 -14.37
CA ILE B 99 22.11 -15.83 -14.99
C ILE B 99 22.09 -14.31 -15.04
N ASP B 100 23.01 -13.68 -14.30
CA ASP B 100 23.05 -12.22 -14.26
C ASP B 100 23.51 -11.66 -15.60
N SER B 101 23.59 -10.34 -15.68
CA SER B 101 24.00 -9.68 -16.91
C SER B 101 25.44 -10.00 -17.29
N ALA B 102 26.24 -10.50 -16.35
CA ALA B 102 27.64 -10.82 -16.60
C ALA B 102 27.85 -12.31 -16.89
N ASN B 103 26.78 -13.04 -17.23
CA ASN B 103 26.84 -14.47 -17.55
C ASN B 103 27.29 -15.31 -16.36
N ASN B 104 27.19 -14.78 -15.14
CA ASN B 104 27.46 -15.55 -13.94
C ASN B 104 26.18 -16.21 -13.46
N VAL B 105 26.29 -17.44 -13.00
CA VAL B 105 25.16 -18.19 -12.45
C VAL B 105 25.06 -17.89 -10.96
N VAL B 106 23.87 -17.48 -10.52
CA VAL B 106 23.66 -17.01 -9.15
C VAL B 106 22.44 -17.68 -8.57
N TYR B 107 22.56 -18.13 -7.32
CA TYR B 107 21.43 -18.64 -6.55
C TYR B 107 21.20 -17.66 -5.40
N LYS B 108 20.19 -16.81 -5.55
CA LYS B 108 19.91 -15.72 -4.63
C LYS B 108 18.50 -15.85 -4.07
N GLN B 109 18.32 -15.33 -2.85
CA GLN B 109 17.01 -15.23 -2.23
C GLN B 109 16.47 -13.83 -2.46
N TYR B 110 15.40 -13.73 -3.24
CA TYR B 110 14.77 -12.44 -3.54
C TYR B 110 13.71 -12.14 -2.50
N GLU B 111 13.73 -10.92 -1.97
CA GLU B 111 12.80 -10.49 -0.94
C GLU B 111 11.53 -9.93 -1.57
N ASP B 112 10.46 -9.93 -0.77
CA ASP B 112 9.18 -9.34 -1.15
C ASP B 112 8.69 -9.93 -2.48
N MET B 113 8.55 -11.25 -2.49
CA MET B 113 8.12 -11.99 -3.67
C MET B 113 6.75 -12.62 -3.54
N VAL B 114 6.39 -13.10 -2.34
CA VAL B 114 5.12 -13.76 -2.10
C VAL B 114 4.33 -12.93 -1.10
N VAL B 115 3.02 -12.80 -1.33
CA VAL B 115 2.15 -12.05 -0.44
C VAL B 115 1.66 -12.98 0.66
N GLU B 116 1.81 -12.53 1.91
CA GLU B 116 1.37 -13.29 3.07
C GLU B 116 0.13 -12.71 3.74
N SER B 117 -0.08 -11.39 3.65
CA SER B 117 -1.27 -10.78 4.23
C SER B 117 -1.56 -9.48 3.48
N CYS B 118 -2.84 -9.17 3.39
CA CYS B 118 -3.32 -7.96 2.73
C CYS B 118 -3.90 -7.00 3.76
N GLY B 119 -3.94 -5.72 3.37
CA GLY B 119 -4.47 -4.70 4.25
C GLY B 119 -4.76 -3.42 3.48
N CYS B 120 -5.68 -2.63 4.03
CA CYS B 120 -6.08 -1.38 3.40
C CYS B 120 -5.16 -0.26 3.87
N ARG B 121 -4.65 0.51 2.91
CA ARG B 121 -3.74 1.61 3.21
C ARG B 121 -4.05 2.83 2.34
N GLY C 3 -26.42 -5.33 11.21
CA GLY C 3 -26.35 -5.01 12.65
C GLY C 3 -25.48 -3.80 12.95
N CYS C 4 -24.69 -3.39 11.97
CA CYS C 4 -23.80 -2.24 12.10
C CYS C 4 -24.32 -1.12 11.20
N ASN C 5 -24.84 -0.07 11.83
CA ASN C 5 -25.31 1.11 11.11
C ASN C 5 -24.08 1.96 10.78
N LYS C 6 -23.65 1.91 9.52
CA LYS C 6 -22.43 2.61 9.14
C LYS C 6 -22.59 4.12 9.27
N ALA C 7 -23.74 4.65 8.84
CA ALA C 7 -23.95 6.10 8.91
C ALA C 7 -23.98 6.59 10.35
N LEU C 8 -24.43 5.76 11.28
CA LEU C 8 -24.55 6.16 12.68
C LEU C 8 -23.29 5.91 13.48
N CYS C 9 -22.47 4.93 13.07
CA CYS C 9 -21.32 4.50 13.86
C CYS C 9 -19.98 4.93 13.27
N ALA C 10 -19.96 5.52 12.07
CA ALA C 10 -18.70 5.82 11.42
C ALA C 10 -17.82 6.72 12.29
N SER C 11 -18.39 7.83 12.78
CA SER C 11 -17.60 8.80 13.52
C SER C 11 -17.04 8.22 14.81
N ASP C 12 -17.91 7.63 15.63
CA ASP C 12 -17.48 7.21 16.97
C ASP C 12 -16.63 5.95 16.92
N VAL C 13 -16.93 5.04 16.00
CA VAL C 13 -16.12 3.82 15.88
C VAL C 13 -14.69 4.18 15.49
N SER C 14 -14.54 5.03 14.48
CA SER C 14 -13.20 5.47 14.07
C SER C 14 -12.49 6.18 15.21
N LYS C 15 -13.22 6.95 16.01
CA LYS C 15 -12.61 7.62 17.16
C LYS C 15 -11.90 6.63 18.07
N CYS C 16 -12.52 5.49 18.33
CA CYS C 16 -11.93 4.51 19.23
C CYS C 16 -10.81 3.72 18.57
N LEU C 17 -10.81 3.62 17.23
CA LEU C 17 -9.77 2.87 16.55
C LEU C 17 -8.44 3.62 16.56
N ILE C 18 -8.45 4.89 16.17
CA ILE C 18 -7.21 5.66 16.15
C ILE C 18 -6.62 5.76 17.55
N GLN C 19 -7.48 5.70 18.58
CA GLN C 19 -7.01 5.62 19.95
C GLN C 19 -6.48 4.24 20.30
N GLU C 20 -6.38 3.35 19.32
CA GLU C 20 -5.83 2.01 19.51
C GLU C 20 -6.72 1.16 20.43
N LEU C 21 -8.03 1.39 20.37
CA LEU C 21 -9.00 0.60 21.10
C LEU C 21 -9.81 -0.25 20.13
N CYS C 22 -10.50 -1.25 20.68
CA CYS C 22 -11.35 -2.14 19.88
C CYS C 22 -10.54 -2.90 18.84
N GLN C 23 -9.25 -3.09 19.10
CA GLN C 23 -8.34 -3.76 18.16
C GLN C 23 -7.92 -5.14 18.62
N CYS C 24 -8.38 -5.60 19.78
CA CYS C 24 -8.09 -6.95 20.26
C CYS C 24 -9.17 -7.91 19.76
N ARG C 25 -8.87 -9.20 19.84
CA ARG C 25 -9.81 -10.22 19.39
C ARG C 25 -10.35 -11.02 20.56
N PRO C 26 -11.62 -11.45 20.53
CA PRO C 26 -12.20 -12.26 21.61
C PRO C 26 -11.78 -13.73 21.54
N GLY C 27 -10.48 -13.97 21.48
CA GLY C 27 -9.95 -15.31 21.39
C GLY C 27 -8.74 -15.53 22.28
N CYS C 31 -10.44 -12.29 26.52
CA CYS C 31 -10.36 -10.99 25.86
C CYS C 31 -9.84 -9.93 26.81
N SER C 32 -9.13 -8.94 26.26
CA SER C 32 -8.55 -7.86 27.03
C SER C 32 -9.28 -6.54 26.83
N CYS C 33 -9.27 -6.01 25.62
CA CYS C 33 -9.85 -4.70 25.32
C CYS C 33 -11.37 -4.73 25.16
N CYS C 34 -12.02 -5.88 25.40
CA CYS C 34 -13.46 -5.96 25.19
C CYS C 34 -14.22 -4.95 26.06
N LYS C 35 -13.63 -4.52 27.17
CA LYS C 35 -14.28 -3.58 28.09
C LYS C 35 -13.87 -2.14 27.83
N GLU C 36 -12.59 -1.89 27.56
CA GLU C 36 -12.15 -0.55 27.20
C GLU C 36 -12.84 -0.06 25.93
N CYS C 37 -13.18 -0.99 25.02
CA CYS C 37 -13.85 -0.60 23.79
C CYS C 37 -15.26 -0.09 24.08
N MET C 38 -16.00 -0.79 24.93
CA MET C 38 -17.37 -0.37 25.25
C MET C 38 -17.39 0.99 25.92
N LEU C 39 -16.37 1.30 26.74
CA LEU C 39 -16.33 2.60 27.39
C LEU C 39 -16.20 3.73 26.38
N CYS C 40 -15.43 3.51 25.32
CA CYS C 40 -15.21 4.57 24.33
C CYS C 40 -16.48 4.84 23.53
N LEU C 41 -17.23 3.79 23.20
CA LEU C 41 -18.45 3.97 22.40
C LEU C 41 -19.58 4.55 23.25
N GLY C 42 -19.67 4.16 24.51
CA GLY C 42 -20.69 4.74 25.38
C GLY C 42 -22.08 4.33 24.96
N ALA C 43 -22.95 5.31 24.78
CA ALA C 43 -24.35 5.02 24.46
C ALA C 43 -24.48 4.29 23.14
N LEU C 44 -23.54 4.47 22.23
CA LEU C 44 -23.58 3.83 20.92
C LEU C 44 -23.09 2.38 20.95
N TRP C 45 -22.83 1.82 22.13
CA TRP C 45 -22.38 0.44 22.22
C TRP C 45 -23.42 -0.51 21.64
N ASP C 46 -24.69 -0.31 22.02
CA ASP C 46 -25.75 -1.19 21.53
C ASP C 46 -25.87 -1.11 20.02
N GLU C 47 -25.79 0.09 19.45
CA GLU C 47 -26.01 0.31 18.03
C GLU C 47 -24.76 0.14 17.20
N CYS C 48 -23.61 -0.14 17.81
CA CYS C 48 -22.36 -0.21 17.06
C CYS C 48 -21.46 -1.36 17.52
N CYS C 49 -21.92 -2.25 18.39
CA CYS C 49 -21.08 -3.36 18.81
C CYS C 49 -20.77 -4.28 17.65
N ASP C 50 -21.72 -4.48 16.75
CA ASP C 50 -21.52 -5.39 15.62
C ASP C 50 -20.45 -4.88 14.68
N CYS C 51 -20.17 -3.58 14.67
CA CYS C 51 -19.15 -3.03 13.78
C CYS C 51 -17.76 -3.54 14.09
N VAL C 52 -17.51 -3.96 15.33
CA VAL C 52 -16.21 -4.47 15.74
C VAL C 52 -16.27 -5.91 16.22
N GLY C 53 -17.40 -6.58 16.00
CA GLY C 53 -17.51 -7.99 16.35
C GLY C 53 -17.30 -8.26 17.84
N MET C 54 -17.84 -7.39 18.69
CA MET C 54 -17.71 -7.52 20.14
C MET C 54 -19.05 -7.91 20.79
N CYS C 55 -19.90 -8.62 20.05
CA CYS C 55 -21.22 -8.99 20.54
C CYS C 55 -21.82 -10.10 19.69
N GLY D 3 11.62 8.07 -26.27
CA GLY D 3 10.47 7.53 -25.49
C GLY D 3 10.74 6.13 -24.95
N CYS D 4 9.80 5.63 -24.15
CA CYS D 4 9.90 4.31 -23.54
C CYS D 4 8.85 3.41 -24.19
N ASN D 5 9.31 2.44 -24.99
CA ASN D 5 8.43 1.48 -25.63
C ASN D 5 8.06 0.41 -24.60
N LYS D 6 6.83 0.48 -24.09
CA LYS D 6 6.42 -0.43 -23.03
C LYS D 6 6.37 -1.87 -23.52
N ALA D 7 5.83 -2.10 -24.71
CA ALA D 7 5.71 -3.46 -25.21
C ALA D 7 7.08 -4.09 -25.48
N LEU D 8 8.07 -3.27 -25.84
CA LEU D 8 9.40 -3.79 -26.17
C LEU D 8 10.32 -3.86 -24.96
N CYS D 9 10.11 -2.99 -23.96
CA CYS D 9 11.02 -2.88 -22.83
C CYS D 9 10.47 -3.44 -21.53
N ALA D 10 9.19 -3.84 -21.50
CA ALA D 10 8.59 -4.27 -20.24
C ALA D 10 9.34 -5.43 -19.63
N SER D 11 9.59 -6.48 -20.41
CA SER D 11 10.19 -7.69 -19.87
C SER D 11 11.61 -7.43 -19.38
N ASP D 12 12.45 -6.83 -20.24
CA ASP D 12 13.87 -6.70 -19.91
C ASP D 12 14.12 -5.61 -18.88
N VAL D 13 13.35 -4.52 -18.90
CA VAL D 13 13.53 -3.48 -17.89
C VAL D 13 13.20 -4.03 -16.51
N SER D 14 12.07 -4.72 -16.38
CA SER D 14 11.72 -5.32 -15.10
C SER D 14 12.77 -6.32 -14.64
N LYS D 15 13.40 -7.02 -15.58
CA LYS D 15 14.48 -7.93 -15.22
C LYS D 15 15.57 -7.22 -14.43
N CYS D 16 15.94 -6.01 -14.85
CA CYS D 16 17.00 -5.28 -14.18
C CYS D 16 16.55 -4.65 -12.87
N LEU D 17 15.24 -4.41 -12.70
CA LEU D 17 14.76 -3.81 -11.46
C LEU D 17 14.80 -4.80 -10.30
N ILE D 18 14.23 -5.99 -10.51
CA ILE D 18 14.21 -6.99 -9.43
C ILE D 18 15.63 -7.37 -9.03
N GLN D 19 16.59 -7.26 -9.95
CA GLN D 19 17.99 -7.46 -9.61
C GLN D 19 18.57 -6.26 -8.85
N GLU D 20 17.74 -5.30 -8.46
CA GLU D 20 18.17 -4.15 -7.66
C GLU D 20 19.12 -3.25 -8.45
N LEU D 21 18.95 -3.18 -9.76
CA LEU D 21 19.70 -2.29 -10.63
C LEU D 21 18.79 -1.21 -11.18
N CYS D 22 19.41 -0.17 -11.74
CA CYS D 22 18.68 0.93 -12.38
C CYS D 22 17.80 1.67 -11.38
N GLN D 23 18.15 1.64 -10.10
CA GLN D 23 17.35 2.28 -9.06
C GLN D 23 18.00 3.52 -8.48
N CYS D 24 19.19 3.90 -8.95
CA CYS D 24 19.81 5.14 -8.53
C CYS D 24 19.40 6.28 -9.47
N ARG D 25 19.62 7.51 -9.01
CA ARG D 25 19.29 8.69 -9.80
C ARG D 25 20.55 9.45 -10.20
N PRO D 26 20.60 10.05 -11.39
CA PRO D 26 21.77 10.83 -11.80
C PRO D 26 21.84 12.20 -11.14
N CYS D 31 26.58 10.07 -10.90
CA CYS D 31 25.79 8.85 -10.85
C CYS D 31 26.67 7.65 -10.54
N SER D 32 26.09 6.66 -9.87
CA SER D 32 26.80 5.44 -9.47
C SER D 32 26.38 4.23 -10.28
N CYS D 33 25.12 3.82 -10.19
CA CYS D 33 24.63 2.60 -10.83
C CYS D 33 24.32 2.79 -12.31
N CYS D 34 24.62 3.96 -12.88
CA CYS D 34 24.29 4.22 -14.27
C CYS D 34 24.98 3.25 -15.22
N LYS D 35 26.08 2.64 -14.80
CA LYS D 35 26.82 1.75 -15.69
C LYS D 35 26.42 0.28 -15.53
N GLU D 36 26.23 -0.18 -14.30
CA GLU D 36 25.72 -1.54 -14.12
C GLU D 36 24.35 -1.70 -14.74
N CYS D 37 23.55 -0.62 -14.76
CA CYS D 37 22.24 -0.69 -15.39
C CYS D 37 22.35 -0.88 -16.89
N MET D 38 23.26 -0.14 -17.53
CA MET D 38 23.42 -0.26 -18.97
C MET D 38 23.87 -1.65 -19.36
N LEU D 39 24.67 -2.31 -18.51
CA LEU D 39 25.10 -3.67 -18.81
C LEU D 39 23.91 -4.63 -18.84
N CYS D 40 22.95 -4.42 -17.95
CA CYS D 40 21.82 -5.34 -17.87
C CYS D 40 20.90 -5.20 -19.07
N LEU D 41 20.69 -3.97 -19.54
CA LEU D 41 19.79 -3.77 -20.68
C LEU D 41 20.44 -4.23 -21.98
N GLY D 42 21.74 -4.02 -22.13
CA GLY D 42 22.43 -4.51 -23.31
C GLY D 42 21.97 -3.78 -24.56
N ALA D 43 21.59 -4.55 -25.57
CA ALA D 43 21.22 -3.96 -26.86
C ALA D 43 20.02 -3.04 -26.72
N LEU D 44 19.17 -3.26 -25.73
CA LEU D 44 17.99 -2.44 -25.52
C LEU D 44 18.27 -1.13 -24.79
N TRP D 45 19.55 -0.80 -24.57
CA TRP D 45 19.87 0.44 -23.87
C TRP D 45 19.35 1.66 -24.63
N ASP D 46 19.56 1.69 -25.95
CA ASP D 46 19.12 2.83 -26.74
C ASP D 46 17.60 2.97 -26.70
N GLU D 47 16.89 1.84 -26.81
CA GLU D 47 15.44 1.86 -26.93
C GLU D 47 14.72 1.87 -25.59
N CYS D 48 15.45 1.82 -24.47
CA CYS D 48 14.80 1.72 -23.17
C CYS D 48 15.47 2.56 -22.09
N CYS D 49 16.41 3.44 -22.45
CA CYS D 49 17.05 4.27 -21.42
C CYS D 49 16.04 5.19 -20.75
N ASP D 50 15.09 5.71 -21.51
CA ASP D 50 14.11 6.64 -20.97
C ASP D 50 13.21 5.99 -19.92
N CYS D 51 13.07 4.66 -19.95
CA CYS D 51 12.20 3.99 -18.99
C CYS D 51 12.71 4.13 -17.56
N VAL D 52 14.02 4.31 -17.39
CA VAL D 52 14.63 4.46 -16.08
C VAL D 52 15.37 5.79 -15.95
N GLY D 53 15.22 6.69 -16.92
CA GLY D 53 15.85 7.99 -16.85
C GLY D 53 17.36 7.95 -16.74
N MET D 54 17.99 6.99 -17.43
CA MET D 54 19.43 6.83 -17.43
C MET D 54 20.05 7.20 -18.78
N CYS D 55 19.42 8.09 -19.53
CA CYS D 55 19.88 8.39 -20.88
C CYS D 55 21.07 9.33 -20.91
N ASN D 56 21.26 10.15 -19.87
CA ASN D 56 22.38 11.09 -19.84
C ASN D 56 22.41 11.95 -21.10
CA CA E . -19.39 13.77 18.08
CA CA F . 13.50 -12.11 -23.09
CA CA G . 19.87 -1.12 -30.01
#